data_8EM9
#
_entry.id   8EM9
#
_cell.length_a   46.184
_cell.length_b   46.184
_cell.length_c   90.992
_cell.angle_alpha   90.000
_cell.angle_beta   90.000
_cell.angle_gamma   120.000
#
_symmetry.space_group_name_H-M   'P 32'
#
loop_
_entity.id
_entity.type
_entity.pdbx_description
1 polymer "DNA (5'-D(*AP*AP*TP*AP*GP*GP*AP*GP*AP*AP*GP*TP*AP*GP*GP*G)-3')"
2 polymer "DNA (5'-D(*TP*CP*CP*CP*TP*AP*CP*TP*TP*CP*TP*CP*CP*TP*A)-3')"
3 polymer 'Transcription factor PU.1'
4 water water
#
loop_
_entity_poly.entity_id
_entity_poly.type
_entity_poly.pdbx_seq_one_letter_code
_entity_poly.pdbx_strand_id
1 'polydeoxyribonucleotide' (DA)(DA)(DT)(DA)(DG)(DG)(DA)(DG)(DA)(DA)(DG)(DT)(DA)(DG)(DG)(DG) C
2 'polydeoxyribonucleotide' (DT)(DC)(DC)(DC)(DT)(DA)(DC)(DT)(DT)(DC)(DT)(DC)(DC)(DT)(DA)(DT) D
3 'polypeptide(L)'
;GSKKKIRLYQFLLDLLRSGDMKDSIWWVDKDKGTFQFSSKHKEALAHRWGIQKGNRKKMTYQKMARALRNYGKTGEVKKV
KKKLTYQFSGEVLGRGGLAERRHPPH
;
F
#
# COMPACT_ATOMS: atom_id res chain seq x y z
N LYS C 5 -0.27 12.90 -12.05
CA LYS C 5 -0.03 11.54 -11.60
C LYS C 5 -0.85 11.21 -10.36
N ILE C 6 -0.49 10.12 -9.69
CA ILE C 6 -1.17 9.67 -8.49
C ILE C 6 -0.13 9.20 -7.48
N ARG C 7 -0.33 9.57 -6.21
CA ARG C 7 0.61 9.19 -5.17
C ARG C 7 0.39 7.75 -4.73
N LEU C 8 1.43 7.17 -4.13
CA LEU C 8 1.41 5.75 -3.80
C LEU C 8 0.34 5.43 -2.75
N TYR C 9 0.22 6.26 -1.72
CA TYR C 9 -0.75 5.96 -0.68
C TYR C 9 -2.18 6.11 -1.20
N GLN C 10 -2.43 7.11 -2.05
CA GLN C 10 -3.74 7.25 -2.66
C GLN C 10 -4.10 6.02 -3.49
N PHE C 11 -3.10 5.36 -4.07
CA PHE C 11 -3.37 4.19 -4.89
C PHE C 11 -3.76 2.98 -4.05
N LEU C 12 -3.15 2.83 -2.87
CA LEU C 12 -3.48 1.70 -2.03
C LEU C 12 -4.83 1.88 -1.36
N LEU C 13 -5.16 3.12 -0.97
CA LEU C 13 -6.44 3.37 -0.33
C LEU C 13 -7.59 3.17 -1.29
N ASP C 14 -7.39 3.50 -2.57
CA ASP C 14 -8.44 3.29 -3.58
C ASP C 14 -8.73 1.81 -3.74
N LEU C 15 -7.69 0.98 -3.80
CA LEU C 15 -7.90 -0.46 -3.89
C LEU C 15 -8.67 -0.97 -2.68
N LEU C 16 -8.42 -0.40 -1.51
CA LEU C 16 -9.11 -0.84 -0.30
C LEU C 16 -10.58 -0.42 -0.32
N ARG C 17 -10.85 0.80 -0.78
CA ARG C 17 -12.20 1.35 -0.81
C ARG C 17 -12.99 0.95 -2.04
N SER C 18 -12.37 0.25 -2.99
CA SER C 18 -13.07 -0.31 -4.13
C SER C 18 -13.20 -1.82 -4.06
N GLY C 19 -12.57 -2.47 -3.08
CA GLY C 19 -12.62 -3.92 -2.98
C GLY C 19 -12.00 -4.63 -4.16
N ASP C 20 -11.14 -3.96 -4.92
CA ASP C 20 -10.56 -4.55 -6.12
C ASP C 20 -9.84 -5.85 -5.82
N MET C 21 -8.59 -5.76 -5.34
CA MET C 21 -7.72 -6.93 -5.20
C MET C 21 -7.76 -7.41 -3.75
N LYS C 22 -8.87 -8.08 -3.41
CA LYS C 22 -9.07 -8.55 -2.05
C LYS C 22 -8.08 -9.65 -1.67
N ASP C 23 -7.44 -10.29 -2.64
CA ASP C 23 -6.48 -11.34 -2.34
C ASP C 23 -5.10 -10.80 -2.01
N SER C 24 -4.82 -9.55 -2.38
CA SER C 24 -3.50 -8.96 -2.20
C SER C 24 -3.43 -7.95 -1.07
N ILE C 25 -4.54 -7.32 -0.71
CA ILE C 25 -4.56 -6.29 0.31
C ILE C 25 -5.93 -6.30 0.98
N TRP C 26 -5.96 -5.93 2.26
CA TRP C 26 -7.22 -5.93 2.99
C TRP C 26 -7.05 -5.14 4.27
N TRP C 27 -8.17 -4.63 4.78
CA TRP C 27 -8.16 -3.95 6.07
C TRP C 27 -7.93 -4.94 7.19
N VAL C 28 -7.19 -4.50 8.21
CA VAL C 28 -7.18 -5.16 9.51
C VAL C 28 -8.08 -4.47 10.51
N ASP C 29 -8.34 -3.16 10.35
CA ASP C 29 -9.29 -2.43 11.17
C ASP C 29 -9.57 -1.10 10.49
N LYS C 30 -10.68 -1.03 9.74
CA LYS C 30 -10.98 0.17 8.98
C LYS C 30 -10.91 1.43 9.83
N ASP C 31 -11.31 1.32 11.10
CA ASP C 31 -11.29 2.49 11.97
C ASP C 31 -9.85 2.96 12.23
N LYS C 32 -8.97 2.02 12.61
CA LYS C 32 -7.59 2.35 12.87
C LYS C 32 -6.78 2.59 11.61
N GLY C 33 -7.39 2.47 10.43
CA GLY C 33 -6.67 2.66 9.18
C GLY C 33 -5.59 1.64 8.93
N THR C 34 -5.66 0.48 9.59
CA THR C 34 -4.65 -0.56 9.45
C THR C 34 -5.00 -1.48 8.30
N PHE C 35 -4.02 -1.76 7.45
CA PHE C 35 -4.18 -2.68 6.33
C PHE C 35 -2.97 -3.59 6.28
N GLN C 36 -3.08 -4.66 5.49
CA GLN C 36 -2.04 -5.68 5.43
C GLN C 36 -1.97 -6.23 4.01
N PHE C 37 -0.76 -6.60 3.60
CA PHE C 37 -0.53 -7.21 2.30
C PHE C 37 -0.54 -8.74 2.42
N SER C 38 -0.74 -9.39 1.28
CA SER C 38 -0.75 -10.86 1.22
C SER C 38 0.66 -11.36 0.91
N SER C 39 1.16 -12.27 1.74
CA SER C 39 2.51 -12.78 1.55
C SER C 39 2.69 -13.37 0.15
N LYS C 40 1.73 -14.19 -0.28
CA LYS C 40 1.87 -14.94 -1.52
C LYS C 40 1.35 -14.20 -2.74
N HIS C 41 0.58 -13.13 -2.57
CA HIS C 41 -0.07 -12.47 -3.70
C HIS C 41 0.19 -10.96 -3.74
N LYS C 42 1.13 -10.45 -2.92
CA LYS C 42 1.40 -9.03 -2.94
C LYS C 42 2.04 -8.58 -4.24
N GLU C 43 2.83 -9.46 -4.88
CA GLU C 43 3.54 -9.04 -6.09
C GLU C 43 2.58 -8.66 -7.20
N ALA C 44 1.45 -9.38 -7.28
CA ALA C 44 0.44 -9.01 -8.27
C ALA C 44 0.01 -7.56 -8.10
N LEU C 45 -0.20 -7.13 -6.85
CA LEU C 45 -0.54 -5.73 -6.61
C LEU C 45 0.62 -4.81 -6.92
N ALA C 46 1.85 -5.25 -6.62
CA ALA C 46 3.02 -4.45 -6.96
C ALA C 46 3.12 -4.25 -8.47
N HIS C 47 2.90 -5.31 -9.24
CA HIS C 47 2.98 -5.19 -10.69
C HIS C 47 2.05 -4.09 -11.20
N ARG C 48 0.80 -4.07 -10.70
CA ARG C 48 -0.15 -3.06 -11.15
C ARG C 48 0.38 -1.66 -10.88
N TRP C 49 0.87 -1.42 -9.66
CA TRP C 49 1.34 -0.08 -9.30
C TRP C 49 2.41 0.42 -10.27
N GLY C 50 3.30 -0.49 -10.70
CA GLY C 50 4.32 -0.09 -11.65
C GLY C 50 3.76 0.21 -13.03
N ILE C 51 2.87 -0.66 -13.52
CA ILE C 51 2.26 -0.44 -14.82
C ILE C 51 1.46 0.86 -14.82
N GLN C 52 0.69 1.09 -13.75
CA GLN C 52 -0.12 2.30 -13.70
C GLN C 52 0.74 3.56 -13.68
N LYS C 53 1.98 3.46 -13.20
CA LYS C 53 2.89 4.59 -13.18
C LYS C 53 3.75 4.68 -14.44
N GLY C 54 3.78 3.64 -15.27
CA GLY C 54 4.64 3.64 -16.43
C GLY C 54 6.11 3.58 -16.12
N ASN C 55 6.49 3.03 -14.96
CA ASN C 55 7.89 2.93 -14.60
C ASN C 55 8.64 2.07 -15.62
N ARG C 56 9.94 2.35 -15.76
CA ARG C 56 10.75 1.63 -16.74
C ARG C 56 10.83 0.14 -16.40
N LYS C 57 11.03 -0.18 -15.13
CA LYS C 57 11.22 -1.56 -14.69
C LYS C 57 9.93 -2.10 -14.08
N LYS C 58 9.90 -3.42 -13.90
CA LYS C 58 8.78 -4.08 -13.25
C LYS C 58 8.79 -3.77 -11.76
N MET C 59 7.71 -3.19 -11.27
CA MET C 59 7.62 -2.89 -9.85
C MET C 59 7.55 -4.18 -9.03
N THR C 60 8.20 -4.16 -7.87
CA THR C 60 8.19 -5.29 -6.94
C THR C 60 7.77 -4.80 -5.56
N TYR C 61 7.49 -5.75 -4.67
CA TYR C 61 7.14 -5.36 -3.30
C TYR C 61 8.32 -4.70 -2.59
N GLN C 62 9.54 -5.16 -2.86
CA GLN C 62 10.70 -4.54 -2.22
C GLN C 62 10.79 -3.06 -2.59
N LYS C 63 10.64 -2.74 -3.87
CA LYS C 63 10.68 -1.34 -4.29
CA LYS C 63 10.68 -1.34 -4.29
C LYS C 63 9.47 -0.57 -3.77
N MET C 64 8.31 -1.21 -3.71
CA MET C 64 7.13 -0.53 -3.18
C MET C 64 7.31 -0.23 -1.69
N ALA C 65 7.87 -1.17 -0.94
CA ALA C 65 8.09 -0.95 0.47
C ALA C 65 9.15 0.12 0.71
N ARG C 66 10.17 0.17 -0.14
CA ARG C 66 11.16 1.23 -0.04
C ARG C 66 10.51 2.59 -0.11
N ALA C 67 9.50 2.74 -0.97
CA ALA C 67 8.78 4.02 -1.06
C ALA C 67 7.86 4.22 0.14
N LEU C 68 7.19 3.15 0.60
CA LEU C 68 6.33 3.28 1.76
C LEU C 68 7.11 3.71 2.99
N ARG C 69 8.39 3.29 3.09
CA ARG C 69 9.18 3.66 4.24
C ARG C 69 9.46 5.15 4.29
N ASN C 70 9.42 5.84 3.15
CA ASN C 70 9.64 7.28 3.16
C ASN C 70 8.48 8.02 3.82
N TYR C 71 7.26 7.48 3.73
CA TYR C 71 6.11 8.11 4.35
C TYR C 71 6.22 8.16 5.88
N GLY C 72 7.22 7.50 6.46
CA GLY C 72 7.39 7.56 7.90
C GLY C 72 7.67 8.97 8.40
N LYS C 73 8.42 9.74 7.61
CA LYS C 73 8.76 11.11 8.02
C LYS C 73 7.54 12.01 7.94
N THR C 74 6.94 12.13 6.75
CA THR C 74 5.75 12.96 6.59
C THR C 74 4.62 12.45 7.48
N GLY C 75 4.18 11.21 7.27
CA GLY C 75 3.22 10.58 8.14
C GLY C 75 2.00 10.01 7.47
N GLU C 76 2.00 9.93 6.13
CA GLU C 76 0.84 9.39 5.44
C GLU C 76 0.66 7.90 5.71
N VAL C 77 1.75 7.17 5.89
CA VAL C 77 1.72 5.73 6.14
C VAL C 77 2.84 5.38 7.10
N LYS C 78 2.49 4.67 8.17
CA LYS C 78 3.45 4.22 9.16
C LYS C 78 3.44 2.70 9.23
N LYS C 79 4.61 2.13 9.48
CA LYS C 79 4.74 0.68 9.60
C LYS C 79 4.22 0.21 10.93
N VAL C 80 3.76 -1.05 10.96
CA VAL C 80 3.28 -1.69 12.18
C VAL C 80 4.15 -2.91 12.45
N LYS C 81 4.27 -3.25 13.74
CA LYS C 81 5.12 -4.37 14.14
C LYS C 81 4.62 -5.71 13.61
N LYS C 82 3.44 -5.75 12.99
CA LYS C 82 2.93 -7.00 12.43
C LYS C 82 3.49 -7.21 11.03
N LYS C 83 3.57 -8.48 10.64
CA LYS C 83 4.14 -8.83 9.35
C LYS C 83 3.29 -8.28 8.21
N LEU C 84 3.93 -7.57 7.29
CA LEU C 84 3.27 -7.03 6.09
C LEU C 84 2.14 -6.07 6.43
N THR C 85 2.17 -5.46 7.60
CA THR C 85 1.07 -4.62 8.06
C THR C 85 1.51 -3.15 8.13
N TYR C 86 0.62 -2.27 7.68
CA TYR C 86 0.88 -0.84 7.69
C TYR C 86 -0.33 -0.12 8.27
N GLN C 87 -0.37 1.22 8.18
CA GLN C 87 -1.45 1.98 8.77
C GLN C 87 -1.49 3.37 8.15
N PHE C 88 -2.68 3.77 7.71
CA PHE C 88 -2.89 5.14 7.25
C PHE C 88 -3.06 6.07 8.43
N SER C 89 -2.80 7.35 8.19
CA SER C 89 -3.02 8.36 9.21
C SER C 89 -4.48 8.79 9.24
N GLY C 90 -4.88 9.37 10.37
CA GLY C 90 -6.24 9.89 10.48
C GLY C 90 -6.56 10.98 9.47
N GLU C 91 -5.53 11.63 8.92
CA GLU C 91 -5.75 12.69 7.95
C GLU C 91 -6.13 12.13 6.59
N VAL C 92 -5.32 11.20 6.07
CA VAL C 92 -5.59 10.63 4.75
C VAL C 92 -6.97 9.98 4.73
N LEU C 93 -7.35 9.31 5.83
CA LEU C 93 -8.66 8.67 5.88
C LEU C 93 -9.78 9.69 5.69
N GLY C 94 -9.63 10.88 6.26
CA GLY C 94 -10.65 11.91 6.16
C GLY C 94 -10.99 12.29 4.73
#